data_4YRO
#
_entry.id   4YRO
#
_cell.length_a   64.630
_cell.length_b   118.264
_cell.length_c   66.109
_cell.angle_alpha   90.000
_cell.angle_beta   92.520
_cell.angle_gamma   90.000
#
_symmetry.space_group_name_H-M   'I 1 2 1'
#
loop_
_entity.id
_entity.type
_entity.pdbx_description
1 polymer 'Histidyl-tRNA synthetase'
2 non-polymer HISTIDINE
3 non-polymer 5-bromo-6-methylpyridin-2-amine
4 non-polymer 1,2-ETHANEDIOL
5 non-polymer 'SULFATE ION'
6 non-polymer 'DIMETHYL SULFOXIDE'
7 water water
#
_entity_poly.entity_id   1
_entity_poly.type   'polypeptide(L)'
_entity_poly.pdbx_seq_one_letter_code
;MAHHHHHHMGTLEAQTQGPGSMQKNMVETEPVQGCRDFPPEAMRCRRHLFDVFHATAKTFGFEEYDAPVLESEELYIRKA
GEEITEQMFNFITKGGHRVALRPEMTPSLARLLLGKGRSLLLPAKWYSIPQCWRYEAITRGRRREHYQWNMDIVGVKSVS
AEVELVCAACWAMRSLGLSSKDVGIKVNSRKVLQTVVEQAGVTSDKFAPVCVIVDKMEKIPREEVEAQLAVLGLEPTVVD
AITTTLSLKSIDEIAQRVGEEHEAVKELRQFFEQVEAYGYGDWVLFDASVVRGLAYYTGIVFEGFDREGKFRALCGGGRY
DNLLTTYGSPTPIPCAGFGFGDCVIVELLQEKRLLPDIPHVVDDVVIPFDESMRPHALAVLRRLRDAGRSADIILDKKKV
VQAFNYADRVGAVRAVLVAPEEWERGEVQVKMLREGTGKEEGGAERGFAVPLDRLV
;
_entity_poly.pdbx_strand_id   A
#
# COMPACT_ATOMS: atom_id res chain seq x y z
N MET A 26 -24.01 29.17 -2.50
CA MET A 26 -23.56 27.80 -2.15
C MET A 26 -22.30 27.78 -1.29
N VAL A 27 -22.14 26.74 -0.49
CA VAL A 27 -20.88 26.44 0.19
C VAL A 27 -19.95 25.81 -0.87
N GLU A 28 -18.67 25.70 -0.55
CA GLU A 28 -17.70 25.12 -1.46
C GLU A 28 -17.88 23.61 -1.53
N THR A 29 -18.26 23.10 -2.70
CA THR A 29 -18.48 21.67 -2.86
C THR A 29 -17.20 20.90 -3.19
N GLU A 30 -16.14 21.58 -3.61
CA GLU A 30 -14.86 20.90 -3.87
C GLU A 30 -14.08 20.65 -2.57
N PRO A 31 -13.35 19.53 -2.50
CA PRO A 31 -12.58 19.29 -1.29
C PRO A 31 -11.40 20.26 -1.17
N VAL A 32 -10.79 20.25 0.01
CA VAL A 32 -9.63 21.07 0.28
C VAL A 32 -8.51 20.73 -0.71
N GLN A 33 -7.66 21.72 -0.99
CA GLN A 33 -6.51 21.58 -1.89
C GLN A 33 -5.70 20.29 -1.74
N GLY A 34 -5.66 19.50 -2.82
CA GLY A 34 -4.86 18.28 -2.84
C GLY A 34 -5.47 17.05 -2.18
N CYS A 35 -6.74 17.11 -1.78
CA CYS A 35 -7.38 15.96 -1.13
C CYS A 35 -8.52 15.42 -1.97
N ARG A 36 -8.68 14.09 -2.01
CA ARG A 36 -9.76 13.43 -2.76
C ARG A 36 -11.04 13.13 -1.94
N ASP A 37 -12.17 13.33 -2.59
CA ASP A 37 -13.46 12.85 -2.13
C ASP A 37 -13.64 11.44 -2.63
N PHE A 38 -14.37 10.61 -1.87
CA PHE A 38 -14.69 9.24 -2.30
C PHE A 38 -16.18 8.95 -2.23
N PRO A 39 -16.93 9.46 -3.21
CA PRO A 39 -18.32 9.04 -3.31
C PRO A 39 -18.38 7.54 -3.64
N PRO A 40 -19.57 6.93 -3.50
CA PRO A 40 -19.71 5.48 -3.55
C PRO A 40 -18.98 4.82 -4.72
N GLU A 41 -19.10 5.39 -5.92
CA GLU A 41 -18.40 4.88 -7.10
C GLU A 41 -16.89 4.81 -6.87
N ALA A 42 -16.29 5.92 -6.43
CA ALA A 42 -14.86 5.96 -6.23
C ALA A 42 -14.47 5.09 -5.06
N MET A 43 -15.35 4.98 -4.08
CA MET A 43 -15.07 4.17 -2.89
C MET A 43 -15.03 2.67 -3.20
N ARG A 44 -15.79 2.24 -4.20
CA ARG A 44 -15.82 0.85 -4.59
C ARG A 44 -14.49 0.48 -5.25
N CYS A 45 -13.90 1.45 -5.92
CA CYS A 45 -12.60 1.28 -6.52
C CYS A 45 -11.52 1.18 -5.45
N ARG A 46 -11.63 2.03 -4.45
CA ARG A 46 -10.68 1.98 -3.34
C ARG A 46 -10.82 0.69 -2.54
N ARG A 47 -12.04 0.25 -2.28
CA ARG A 47 -12.23 -1.05 -1.60
C ARG A 47 -11.66 -2.20 -2.40
N HIS A 48 -11.87 -2.20 -3.70
CA HIS A 48 -11.30 -3.22 -4.53
C HIS A 48 -9.81 -3.39 -4.23
N LEU A 49 -9.10 -2.28 -4.10
CA LEU A 49 -7.68 -2.27 -3.88
C LEU A 49 -7.36 -2.66 -2.44
N PHE A 50 -8.00 -1.96 -1.51
CA PHE A 50 -7.72 -2.23 -0.11
C PHE A 50 -8.03 -3.68 0.23
N ASP A 51 -9.12 -4.23 -0.32
CA ASP A 51 -9.44 -5.64 -0.11
C ASP A 51 -8.23 -6.52 -0.38
N VAL A 52 -7.56 -6.26 -1.49
CA VAL A 52 -6.40 -7.05 -1.86
C VAL A 52 -5.27 -6.87 -0.84
N PHE A 53 -5.04 -5.63 -0.39
CA PHE A 53 -3.98 -5.38 0.59
C PHE A 53 -4.26 -6.15 1.88
N HIS A 54 -5.51 -6.08 2.33
CA HIS A 54 -5.94 -6.88 3.47
C HIS A 54 -5.77 -8.37 3.23
N ALA A 55 -6.37 -8.89 2.16
CA ALA A 55 -6.34 -10.34 1.87
C ALA A 55 -4.93 -10.85 1.73
N THR A 56 -4.06 -10.07 1.09
CA THR A 56 -2.67 -10.45 0.91
C THR A 56 -2.01 -10.52 2.27
N ALA A 57 -2.23 -9.49 3.09
CA ALA A 57 -1.64 -9.42 4.42
C ALA A 57 -2.07 -10.61 5.23
N LYS A 58 -3.33 -10.95 5.17
CA LYS A 58 -3.83 -12.11 5.91
C LYS A 58 -3.23 -13.41 5.34
N THR A 59 -3.12 -13.49 4.03
CA THR A 59 -2.50 -14.64 3.40
C THR A 59 -1.06 -14.84 3.88
N PHE A 60 -0.34 -13.73 4.12
CA PHE A 60 1.07 -13.79 4.51
C PHE A 60 1.28 -13.71 6.03
N GLY A 61 0.20 -13.65 6.78
CA GLY A 61 0.24 -13.75 8.22
C GLY A 61 0.58 -12.49 8.99
N PHE A 62 0.41 -11.31 8.38
CA PHE A 62 0.71 -10.05 9.04
C PHE A 62 -0.48 -9.66 9.90
N GLU A 63 -0.23 -8.77 10.85
CA GLU A 63 -1.20 -8.35 11.83
C GLU A 63 -1.44 -6.88 11.63
N GLU A 64 -2.70 -6.49 11.59
CA GLU A 64 -3.03 -5.10 11.38
C GLU A 64 -2.76 -4.27 12.61
N TYR A 65 -2.35 -3.03 12.39
CA TYR A 65 -2.19 -2.07 13.46
C TYR A 65 -2.56 -0.71 12.91
N ASP A 66 -2.67 0.25 13.81
CA ASP A 66 -2.90 1.64 13.43
C ASP A 66 -2.26 2.53 14.45
N ALA A 67 -2.02 3.78 14.06
CA ALA A 67 -1.61 4.80 15.00
C ALA A 67 -2.15 6.12 14.48
N PRO A 68 -1.99 7.19 15.27
CA PRO A 68 -2.63 8.43 14.85
C PRO A 68 -1.93 9.06 13.65
N VAL A 69 -2.75 9.58 12.74
CA VAL A 69 -2.30 10.36 11.60
C VAL A 69 -1.51 11.60 12.06
N LEU A 70 -1.88 12.13 13.23
CA LEU A 70 -1.21 13.30 13.81
C LEU A 70 -0.10 12.88 14.79
N GLU A 71 1.16 13.09 14.40
CA GLU A 71 2.31 12.71 15.23
C GLU A 71 3.12 13.93 15.66
N SER A 72 4.02 13.71 16.62
CA SER A 72 4.97 14.73 17.02
C SER A 72 6.02 14.90 15.92
N GLU A 73 6.31 16.16 15.59
CA GLU A 73 7.21 16.51 14.48
C GLU A 73 8.64 16.03 14.70
N GLU A 74 9.06 15.92 15.97
CA GLU A 74 10.32 15.24 16.36
C GLU A 74 10.63 14.04 15.50
N LEU A 75 9.63 13.17 15.40
CA LEU A 75 9.76 11.84 14.84
C LEU A 75 10.33 11.79 13.43
N TYR A 76 10.34 12.93 12.72
CA TYR A 76 10.71 12.96 11.30
C TYR A 76 11.89 13.88 10.97
N ILE A 77 12.66 14.28 11.98
CA ILE A 77 13.84 15.14 11.76
C ILE A 77 15.11 14.28 11.64
N ARG A 78 15.42 13.85 10.41
CA ARG A 78 16.55 12.94 10.15
C ARG A 78 17.76 13.63 9.51
N LYS A 79 17.53 14.77 8.86
CA LYS A 79 18.62 15.62 8.34
C LYS A 79 19.50 14.94 7.29
N ALA A 80 18.87 14.27 6.33
CA ALA A 80 19.58 13.69 5.18
C ALA A 80 19.05 14.27 3.88
N GLY A 81 18.53 15.50 3.93
CA GLY A 81 17.97 16.18 2.76
C GLY A 81 16.86 15.41 2.04
N GLU A 82 16.07 14.64 2.79
CA GLU A 82 15.05 13.76 2.21
C GLU A 82 13.86 14.54 1.69
N GLU A 83 13.25 14.01 0.64
CA GLU A 83 12.07 14.62 0.02
C GLU A 83 10.85 14.55 0.96
N ILE A 84 10.78 13.48 1.75
CA ILE A 84 9.63 13.24 2.61
C ILE A 84 9.60 14.17 3.83
N THR A 85 10.77 14.46 4.38
CA THR A 85 10.92 15.41 5.50
C THR A 85 10.82 16.87 5.01
N GLU A 86 11.41 17.14 3.85
CA GLU A 86 11.27 18.44 3.17
C GLU A 86 9.81 18.84 2.93
N GLN A 87 8.99 17.88 2.50
CA GLN A 87 7.62 18.13 2.09
C GLN A 87 6.65 17.64 3.15
N MET A 88 6.69 18.32 4.29
CA MET A 88 5.99 17.89 5.50
C MET A 88 4.80 18.78 5.82
N PHE A 89 3.65 18.16 6.06
CA PHE A 89 2.44 18.87 6.45
C PHE A 89 2.45 19.00 7.97
N ASN A 90 2.88 20.15 8.47
CA ASN A 90 3.05 20.35 9.90
C ASN A 90 2.49 21.68 10.40
N PHE A 91 2.21 21.73 11.70
CA PHE A 91 1.69 22.94 12.33
C PHE A 91 1.83 22.87 13.85
N ILE A 92 1.49 23.97 14.52
CA ILE A 92 1.58 24.06 15.97
C ILE A 92 0.18 24.08 16.59
N THR A 93 -0.02 23.27 17.62
CA THR A 93 -1.29 23.27 18.37
C THR A 93 -1.40 24.61 19.10
N LYS A 94 -2.55 24.87 19.73
CA LYS A 94 -2.71 26.08 20.55
C LYS A 94 -1.78 26.04 21.77
N GLY A 95 -1.51 24.83 22.26
CA GLY A 95 -0.59 24.62 23.37
C GLY A 95 0.89 24.82 23.06
N GLY A 96 1.23 25.08 21.80
CA GLY A 96 2.60 25.37 21.40
C GLY A 96 3.43 24.14 21.02
N HIS A 97 2.79 22.97 20.95
CA HIS A 97 3.51 21.73 20.66
C HIS A 97 3.71 21.52 19.15
N ARG A 98 4.88 20.97 18.79
CA ARG A 98 5.22 20.68 17.39
C ARG A 98 4.55 19.37 16.95
N VAL A 99 3.62 19.45 16.01
CA VAL A 99 2.96 18.25 15.46
C VAL A 99 2.87 18.29 13.93
N ALA A 100 2.49 17.15 13.35
CA ALA A 100 2.44 17.02 11.90
C ALA A 100 1.62 15.83 11.44
N LEU A 101 0.89 16.02 10.34
CA LEU A 101 0.22 14.91 9.67
C LEU A 101 1.30 14.05 9.07
N ARG A 102 1.27 12.76 9.40
CA ARG A 102 2.36 11.87 9.09
C ARG A 102 2.64 11.86 7.58
N PRO A 103 3.92 11.98 7.18
CA PRO A 103 4.28 11.83 5.77
C PRO A 103 4.47 10.37 5.39
N GLU A 104 4.81 9.53 6.37
CA GLU A 104 4.96 8.07 6.19
C GLU A 104 4.59 7.39 7.52
N MET A 105 4.56 6.07 7.50
CA MET A 105 4.16 5.29 8.66
C MET A 105 5.34 4.77 9.48
N THR A 106 6.47 4.52 8.83
CA THR A 106 7.53 3.75 9.45
C THR A 106 7.98 4.33 10.80
N PRO A 107 8.10 5.66 10.90
CA PRO A 107 8.45 6.20 12.22
C PRO A 107 7.41 5.91 13.32
N SER A 108 6.14 5.88 12.96
CA SER A 108 5.06 5.58 13.90
C SER A 108 5.19 4.14 14.39
N LEU A 109 5.43 3.24 13.44
CA LEU A 109 5.69 1.84 13.74
C LEU A 109 6.84 1.71 14.75
N ALA A 110 7.97 2.33 14.44
CA ALA A 110 9.10 2.33 15.33
C ALA A 110 8.72 2.78 16.75
N ARG A 111 7.98 3.88 16.87
CA ARG A 111 7.50 4.36 18.17
C ARG A 111 6.74 3.27 18.91
N LEU A 112 5.80 2.64 18.22
CA LEU A 112 4.98 1.55 18.78
C LEU A 112 5.83 0.38 19.24
N LEU A 113 6.65 -0.14 18.33
CA LEU A 113 7.51 -1.27 18.62
C LEU A 113 8.37 -0.95 19.83
N LEU A 114 8.88 0.28 19.87
CA LEU A 114 9.78 0.73 20.92
C LEU A 114 9.04 0.94 22.23
N GLY A 115 7.78 1.36 22.15
CA GLY A 115 6.93 1.47 23.33
C GLY A 115 6.77 0.14 24.05
N LYS A 116 6.59 -0.92 23.28
CA LYS A 116 6.66 -2.28 23.82
C LYS A 116 8.13 -2.61 23.96
N GLY A 117 8.56 -3.08 25.11
CA GLY A 117 9.99 -3.31 25.30
C GLY A 117 10.33 -4.75 24.97
N ARG A 118 10.70 -5.48 26.00
CA ARG A 118 10.92 -6.94 25.93
C ARG A 118 9.60 -7.69 25.72
N SER A 119 8.47 -7.02 25.92
CA SER A 119 7.15 -7.65 25.88
C SER A 119 6.64 -7.99 24.47
N LEU A 120 7.25 -7.42 23.42
CA LEU A 120 6.81 -7.70 22.06
C LEU A 120 7.41 -9.03 21.60
N LEU A 121 6.58 -10.02 21.32
CA LEU A 121 7.05 -11.27 20.73
C LEU A 121 7.58 -11.01 19.33
N LEU A 122 8.76 -11.56 19.07
CA LEU A 122 9.41 -11.46 17.79
C LEU A 122 9.70 -12.88 17.30
N PRO A 123 9.71 -13.08 16.00
CA PRO A 123 9.45 -12.04 15.00
C PRO A 123 8.02 -11.51 15.01
N ALA A 124 7.84 -10.29 14.51
CA ALA A 124 6.54 -9.65 14.39
C ALA A 124 6.34 -9.17 12.96
N LYS A 125 5.15 -9.35 12.45
CA LYS A 125 4.80 -8.93 11.10
C LYS A 125 3.57 -8.03 11.15
N TRP A 126 3.78 -6.74 10.92
CA TRP A 126 2.70 -5.79 11.14
C TRP A 126 2.39 -5.08 9.85
N TYR A 127 1.09 -4.89 9.57
CA TYR A 127 0.68 -4.10 8.40
C TYR A 127 -0.36 -3.03 8.74
N SER A 128 -0.46 -2.03 7.86
CA SER A 128 -1.49 -1.01 7.98
CA SER A 128 -1.48 -1.01 7.98
C SER A 128 -1.71 -0.28 6.64
N ILE A 129 -2.84 0.40 6.52
CA ILE A 129 -3.15 1.19 5.33
C ILE A 129 -3.41 2.67 5.71
N PRO A 130 -2.40 3.37 6.24
CA PRO A 130 -2.58 4.77 6.65
C PRO A 130 -2.72 5.76 5.51
N GLN A 131 -3.60 6.73 5.69
CA GLN A 131 -3.54 7.91 4.87
C GLN A 131 -2.28 8.67 5.29
N CYS A 132 -1.45 9.08 4.32
CA CYS A 132 -0.29 9.92 4.61
C CYS A 132 -0.33 11.25 3.88
N TRP A 133 0.37 12.24 4.42
CA TRP A 133 0.24 13.64 4.02
C TRP A 133 1.55 14.32 3.64
N ARG A 134 1.45 15.21 2.66
CA ARG A 134 2.52 16.15 2.31
C ARG A 134 1.91 17.52 1.99
N TYR A 135 2.72 18.55 2.17
CA TYR A 135 2.39 19.91 1.76
C TYR A 135 3.28 20.23 0.57
N GLU A 136 2.70 20.90 -0.43
CA GLU A 136 3.47 21.46 -1.56
C GLU A 136 2.91 22.84 -1.96
N ARG A 142 -0.56 19.43 -7.49
CA ARG A 142 0.05 18.23 -6.93
C ARG A 142 -0.78 17.72 -5.75
N ARG A 143 -1.00 16.41 -5.67
CA ARG A 143 -1.85 15.88 -4.59
C ARG A 143 -1.10 15.87 -3.24
N ARG A 144 -1.85 16.09 -2.15
CA ARG A 144 -1.30 16.26 -0.80
C ARG A 144 -1.61 15.11 0.16
N GLU A 145 -2.45 14.17 -0.24
CA GLU A 145 -2.61 12.96 0.54
C GLU A 145 -2.69 11.74 -0.34
N HIS A 146 -2.37 10.61 0.26
CA HIS A 146 -2.55 9.32 -0.37
C HIS A 146 -2.62 8.22 0.70
N TYR A 147 -3.11 7.06 0.29
CA TYR A 147 -3.07 5.87 1.13
C TYR A 147 -1.90 5.00 0.74
N GLN A 148 -1.31 4.35 1.74
CA GLN A 148 -0.10 3.61 1.55
C GLN A 148 -0.20 2.39 2.39
N TRP A 149 -0.27 1.25 1.73
CA TRP A 149 -0.19 -0.02 2.41
C TRP A 149 1.20 -0.10 2.97
N ASN A 150 1.32 -0.43 4.25
CA ASN A 150 2.61 -0.69 4.85
C ASN A 150 2.69 -2.11 5.34
N MET A 151 3.80 -2.78 5.00
CA MET A 151 4.10 -4.11 5.50
C MET A 151 5.53 -4.09 6.03
N ASP A 152 5.72 -4.57 7.26
CA ASP A 152 7.02 -4.54 7.89
C ASP A 152 7.21 -5.79 8.68
N ILE A 153 8.43 -6.34 8.65
CA ILE A 153 8.80 -7.48 9.46
C ILE A 153 9.88 -7.08 10.47
N VAL A 154 9.67 -7.42 11.74
CA VAL A 154 10.55 -7.00 12.84
C VAL A 154 11.12 -8.24 13.52
N GLY A 155 12.45 -8.28 13.70
CA GLY A 155 13.12 -9.34 14.47
C GLY A 155 13.73 -10.49 13.69
N VAL A 156 13.96 -10.27 12.40
CA VAL A 156 14.47 -11.29 11.47
C VAL A 156 15.73 -10.75 10.82
N LYS A 157 16.87 -11.36 11.15
CA LYS A 157 18.17 -10.89 10.67
C LYS A 157 18.30 -11.17 9.18
N SER A 158 17.80 -12.32 8.76
CA SER A 158 18.09 -12.86 7.44
C SER A 158 17.20 -12.28 6.34
N VAL A 159 17.66 -12.43 5.10
CA VAL A 159 16.99 -11.90 3.90
C VAL A 159 15.66 -12.57 3.61
N SER A 160 15.37 -13.65 4.33
CA SER A 160 14.04 -14.26 4.30
C SER A 160 12.90 -13.24 4.50
N ALA A 161 13.17 -12.17 5.26
CA ALA A 161 12.17 -11.12 5.47
C ALA A 161 11.94 -10.33 4.20
N GLU A 162 13.01 -9.81 3.62
CA GLU A 162 12.91 -9.10 2.35
C GLU A 162 12.27 -10.00 1.31
N VAL A 163 12.64 -11.28 1.29
CA VAL A 163 12.01 -12.22 0.38
C VAL A 163 10.48 -12.26 0.55
N GLU A 164 10.05 -12.41 1.79
CA GLU A 164 8.61 -12.43 2.11
C GLU A 164 7.93 -11.12 1.66
N LEU A 165 8.57 -10.00 1.93
CA LEU A 165 7.97 -8.68 1.65
C LEU A 165 7.81 -8.52 0.16
N VAL A 166 8.86 -8.81 -0.58
CA VAL A 166 8.83 -8.68 -2.02
C VAL A 166 7.78 -9.59 -2.61
N CYS A 167 7.70 -10.82 -2.11
CA CYS A 167 6.68 -11.73 -2.58
C CYS A 167 5.29 -11.26 -2.23
N ALA A 168 5.14 -10.56 -1.11
CA ALA A 168 3.84 -9.99 -0.76
C ALA A 168 3.42 -8.92 -1.76
N ALA A 169 4.34 -8.06 -2.15
CA ALA A 169 4.01 -7.02 -3.11
C ALA A 169 3.57 -7.63 -4.45
N CYS A 170 4.32 -8.62 -4.92
CA CYS A 170 3.97 -9.30 -6.15
C CYS A 170 2.60 -9.93 -6.04
N TRP A 171 2.39 -10.66 -4.94
CA TRP A 171 1.13 -11.34 -4.67
C TRP A 171 -0.03 -10.38 -4.84
N ALA A 172 0.08 -9.22 -4.21
CA ALA A 172 -0.96 -8.21 -4.26
C ALA A 172 -1.22 -7.80 -5.71
N MET A 173 -0.14 -7.44 -6.41
CA MET A 173 -0.26 -7.04 -7.81
C MET A 173 -0.86 -8.16 -8.66
N ARG A 174 -0.44 -9.40 -8.43
CA ARG A 174 -1.02 -10.52 -9.15
C ARG A 174 -2.51 -10.64 -8.88
N SER A 175 -2.90 -10.40 -7.62
CA SER A 175 -4.29 -10.51 -7.22
C SER A 175 -5.16 -9.44 -7.87
N LEU A 176 -4.54 -8.32 -8.23
CA LEU A 176 -5.21 -7.26 -9.00
C LEU A 176 -5.28 -7.55 -10.51
N GLY A 177 -4.78 -8.69 -10.94
CA GLY A 177 -4.81 -9.10 -12.36
C GLY A 177 -3.52 -8.86 -13.12
N LEU A 178 -2.51 -8.30 -12.46
CA LEU A 178 -1.25 -7.97 -13.11
C LEU A 178 -0.37 -9.20 -13.20
N SER A 179 0.53 -9.22 -14.17
CA SER A 179 1.46 -10.35 -14.31
C SER A 179 2.88 -9.85 -14.47
N SER A 180 3.83 -10.79 -14.48
CA SER A 180 5.25 -10.48 -14.54
C SER A 180 5.61 -9.95 -15.91
N LYS A 181 4.70 -10.09 -16.86
CA LYS A 181 4.84 -9.37 -18.12
C LYS A 181 4.58 -7.88 -17.92
N ASP A 182 3.70 -7.55 -17.00
CA ASP A 182 3.27 -6.18 -16.76
C ASP A 182 4.17 -5.42 -15.83
N VAL A 183 4.66 -6.10 -14.80
CA VAL A 183 5.41 -5.47 -13.73
C VAL A 183 6.57 -6.33 -13.26
N GLY A 184 7.41 -5.72 -12.43
CA GLY A 184 8.40 -6.44 -11.67
C GLY A 184 8.91 -5.65 -10.49
N ILE A 185 9.89 -6.21 -9.78
CA ILE A 185 10.48 -5.56 -8.62
C ILE A 185 12.00 -5.57 -8.69
N LYS A 186 12.59 -4.39 -8.86
CA LYS A 186 14.03 -4.21 -8.97
C LYS A 186 14.65 -4.29 -7.58
N VAL A 187 15.71 -5.06 -7.42
CA VAL A 187 16.29 -5.31 -6.10
C VAL A 187 17.78 -4.96 -6.03
N ASN A 188 18.21 -4.43 -4.90
CA ASN A 188 19.61 -4.08 -4.74
C ASN A 188 20.00 -4.21 -3.28
N SER A 189 21.28 -3.99 -2.97
CA SER A 189 21.72 -3.83 -1.59
C SER A 189 22.57 -2.56 -1.47
N ARG A 190 22.31 -1.78 -0.42
CA ARG A 190 23.05 -0.56 -0.13
C ARG A 190 24.44 -0.86 0.42
N LYS A 191 24.62 -2.08 0.93
CA LYS A 191 25.92 -2.53 1.44
C LYS A 191 27.03 -2.48 0.39
N VAL A 192 26.69 -2.81 -0.85
CA VAL A 192 27.68 -2.72 -1.94
C VAL A 192 28.28 -1.33 -1.99
N LEU A 193 27.41 -0.34 -2.08
CA LEU A 193 27.81 1.05 -2.19
C LEU A 193 28.45 1.53 -0.90
N GLN A 194 28.05 0.92 0.21
CA GLN A 194 28.62 1.20 1.53
C GLN A 194 30.10 0.82 1.57
N THR A 195 30.40 -0.40 1.14
CA THR A 195 31.77 -0.84 0.96
C THR A 195 32.57 0.15 0.12
N VAL A 196 32.01 0.55 -1.02
CA VAL A 196 32.71 1.44 -1.96
C VAL A 196 32.92 2.83 -1.34
N VAL A 197 31.87 3.35 -0.69
CA VAL A 197 31.95 4.65 -0.01
C VAL A 197 33.00 4.63 1.11
N GLU A 198 32.98 3.58 1.93
CA GLU A 198 33.93 3.44 3.05
C GLU A 198 35.37 3.38 2.58
N GLN A 199 35.65 2.52 1.59
CA GLN A 199 36.98 2.41 0.99
C GLN A 199 37.50 3.71 0.39
N ALA A 200 36.61 4.65 0.12
CA ALA A 200 36.97 5.97 -0.37
C ALA A 200 37.40 6.93 0.75
N GLY A 201 37.38 6.45 1.99
CA GLY A 201 37.82 7.25 3.15
C GLY A 201 36.71 8.08 3.77
N VAL A 202 35.49 7.95 3.24
CA VAL A 202 34.39 8.81 3.63
C VAL A 202 33.75 8.30 4.92
N THR A 203 33.88 9.09 5.99
CA THR A 203 33.23 8.80 7.26
C THR A 203 31.80 8.33 7.03
N SER A 204 31.40 7.31 7.77
CA SER A 204 30.12 6.62 7.55
C SER A 204 28.87 7.51 7.70
N ASP A 205 29.02 8.64 8.37
CA ASP A 205 27.95 9.64 8.48
C ASP A 205 27.45 10.14 7.12
N LYS A 206 28.35 10.23 6.14
CA LYS A 206 28.00 10.73 4.81
C LYS A 206 27.09 9.78 4.00
N PHE A 207 27.01 8.51 4.40
CA PHE A 207 26.30 7.48 3.62
C PHE A 207 24.80 7.71 3.42
N ALA A 208 24.13 8.35 4.39
CA ALA A 208 22.69 8.58 4.26
C ALA A 208 22.36 9.64 3.20
N PRO A 209 22.99 10.82 3.29
CA PRO A 209 22.81 11.85 2.25
C PRO A 209 23.23 11.41 0.84
N VAL A 210 24.22 10.53 0.74
CA VAL A 210 24.70 10.03 -0.55
C VAL A 210 23.64 9.19 -1.27
N CYS A 211 22.91 8.37 -0.52
CA CYS A 211 21.80 7.60 -1.07
C CYS A 211 20.67 8.51 -1.54
N VAL A 212 20.34 9.52 -0.74
CA VAL A 212 19.26 10.45 -1.06
C VAL A 212 19.55 11.27 -2.34
N ILE A 213 20.82 11.51 -2.62
CA ILE A 213 21.23 12.25 -3.81
C ILE A 213 21.24 11.34 -5.04
N VAL A 214 21.92 10.21 -4.89
CA VAL A 214 21.99 9.17 -5.91
C VAL A 214 20.62 8.60 -6.28
N ASP A 215 19.66 8.68 -5.35
CA ASP A 215 18.29 8.27 -5.64
C ASP A 215 17.67 9.13 -6.75
N LYS A 216 18.16 10.34 -6.90
CA LYS A 216 17.69 11.25 -7.94
C LYS A 216 18.36 11.00 -9.30
N MET A 217 19.17 9.95 -9.42
CA MET A 217 19.94 9.67 -10.65
C MET A 217 19.05 9.44 -11.86
N GLU A 218 17.97 8.71 -11.67
CA GLU A 218 17.00 8.46 -12.75
C GLU A 218 16.26 9.75 -13.12
N LYS A 219 15.63 10.38 -12.13
CA LYS A 219 14.77 11.56 -12.33
C LYS A 219 15.46 12.75 -13.00
N ILE A 220 16.64 13.13 -12.49
CA ILE A 220 17.34 14.35 -12.95
C ILE A 220 18.69 14.01 -13.63
N PRO A 221 19.25 14.94 -14.40
CA PRO A 221 20.38 14.57 -15.26
C PRO A 221 21.67 14.25 -14.50
N ARG A 222 22.59 13.59 -15.21
CA ARG A 222 23.87 13.15 -14.63
C ARG A 222 24.70 14.28 -14.02
N GLU A 223 24.69 15.44 -14.69
CA GLU A 223 25.52 16.58 -14.27
C GLU A 223 25.02 17.22 -12.97
N GLU A 224 23.70 17.22 -12.79
CA GLU A 224 23.08 17.87 -11.63
C GLU A 224 23.08 17.01 -10.36
N VAL A 225 23.39 15.72 -10.49
CA VAL A 225 23.56 14.82 -9.33
C VAL A 225 24.99 14.92 -8.80
N GLU A 226 25.95 14.93 -9.72
CA GLU A 226 27.36 15.14 -9.38
C GLU A 226 27.53 16.33 -8.45
N ALA A 227 26.94 17.46 -8.84
CA ALA A 227 27.10 18.72 -8.11
C ALA A 227 26.56 18.69 -6.67
N GLN A 228 25.57 17.85 -6.41
CA GLN A 228 25.05 17.68 -5.04
C GLN A 228 26.07 16.98 -4.13
N LEU A 229 26.75 15.97 -4.67
CA LEU A 229 27.75 15.22 -3.91
C LEU A 229 28.97 16.11 -3.63
N ALA A 230 29.33 16.98 -4.59
CA ALA A 230 30.41 17.95 -4.41
C ALA A 230 30.11 18.93 -3.27
N VAL A 231 28.84 19.32 -3.15
CA VAL A 231 28.39 20.21 -2.07
C VAL A 231 28.57 19.57 -0.70
N LEU A 232 28.27 18.29 -0.58
CA LEU A 232 28.44 17.57 0.68
C LEU A 232 29.87 16.99 0.85
N GLY A 233 30.88 17.69 0.32
CA GLY A 233 32.28 17.44 0.65
C GLY A 233 32.97 16.20 0.08
N LEU A 234 32.32 15.50 -0.85
CA LEU A 234 32.90 14.30 -1.45
C LEU A 234 33.90 14.68 -2.55
N GLU A 235 34.88 13.83 -2.81
CA GLU A 235 35.91 14.06 -3.85
C GLU A 235 35.59 13.33 -5.17
N PRO A 236 36.35 13.62 -6.25
CA PRO A 236 35.99 13.13 -7.60
C PRO A 236 36.15 11.62 -7.89
N THR A 237 37.27 11.02 -7.48
CA THR A 237 37.52 9.60 -7.75
C THR A 237 36.54 8.68 -7.01
N VAL A 238 36.04 9.17 -5.88
CA VAL A 238 35.11 8.41 -5.05
C VAL A 238 33.73 8.37 -5.71
N VAL A 239 33.44 9.38 -6.54
CA VAL A 239 32.19 9.46 -7.28
C VAL A 239 32.23 8.50 -8.48
N ASP A 240 33.35 8.50 -9.20
CA ASP A 240 33.54 7.60 -10.32
C ASP A 240 33.09 6.18 -9.96
N ALA A 241 33.67 5.67 -8.87
CA ALA A 241 33.34 4.34 -8.39
C ALA A 241 31.84 4.19 -8.06
N ILE A 242 31.20 5.26 -7.61
CA ILE A 242 29.75 5.26 -7.34
C ILE A 242 28.94 5.02 -8.62
N THR A 243 29.12 5.88 -9.61
CA THR A 243 28.40 5.75 -10.88
C THR A 243 28.67 4.39 -11.55
N THR A 244 29.93 3.98 -11.58
CA THR A 244 30.30 2.70 -12.18
C THR A 244 29.59 1.54 -11.53
N THR A 245 29.59 1.52 -10.20
CA THR A 245 28.91 0.47 -9.45
C THR A 245 27.39 0.58 -9.61
N LEU A 246 26.87 1.81 -9.68
CA LEU A 246 25.44 2.04 -9.97
C LEU A 246 25.00 1.44 -11.31
N SER A 247 25.90 1.44 -12.28
CA SER A 247 25.59 0.95 -13.62
C SER A 247 26.05 -0.49 -13.86
N LEU A 248 26.49 -1.17 -12.80
CA LEU A 248 26.81 -2.60 -12.92
C LEU A 248 25.53 -3.40 -13.13
N LYS A 249 25.60 -4.37 -14.05
CA LYS A 249 24.39 -4.99 -14.61
C LYS A 249 24.07 -6.35 -14.01
N SER A 250 24.93 -6.88 -13.14
CA SER A 250 24.73 -8.23 -12.64
C SER A 250 25.35 -8.43 -11.28
N ILE A 251 24.90 -9.46 -10.58
CA ILE A 251 25.48 -9.80 -9.28
C ILE A 251 26.92 -10.29 -9.47
N ASP A 252 27.14 -11.02 -10.55
CA ASP A 252 28.50 -11.46 -10.88
C ASP A 252 29.46 -10.28 -11.06
N GLU A 253 28.97 -9.19 -11.65
CA GLU A 253 29.78 -7.98 -11.82
C GLU A 253 30.08 -7.29 -10.49
N ILE A 254 29.14 -7.38 -9.55
CA ILE A 254 29.34 -6.82 -8.21
C ILE A 254 30.43 -7.62 -7.53
N ALA A 255 30.29 -8.94 -7.59
CA ALA A 255 31.28 -9.86 -7.02
C ALA A 255 32.70 -9.53 -7.48
N GLN A 256 32.88 -9.37 -8.79
CA GLN A 256 34.18 -8.96 -9.34
C GLN A 256 34.78 -7.78 -8.59
N ARG A 257 33.93 -6.83 -8.24
CA ARG A 257 34.35 -5.56 -7.64
C ARG A 257 34.50 -5.65 -6.12
N VAL A 258 33.78 -6.56 -5.46
CA VAL A 258 33.74 -6.61 -3.98
C VAL A 258 34.01 -7.96 -3.30
N GLY A 259 33.83 -9.07 -4.02
CA GLY A 259 34.02 -10.43 -3.47
C GLY A 259 32.75 -11.26 -3.53
N GLU A 260 32.90 -12.59 -3.66
CA GLU A 260 31.75 -13.50 -3.80
C GLU A 260 31.13 -13.89 -2.45
N GLU A 261 31.84 -13.66 -1.34
CA GLU A 261 31.29 -13.88 0.00
C GLU A 261 31.32 -12.57 0.81
N HIS A 262 31.23 -11.46 0.08
CA HIS A 262 30.76 -10.20 0.67
C HIS A 262 29.31 -10.44 1.11
N GLU A 263 28.90 -9.81 2.20
CA GLU A 263 27.52 -9.95 2.70
C GLU A 263 26.54 -9.87 1.55
N ALA A 264 26.59 -8.73 0.84
CA ALA A 264 25.63 -8.42 -0.23
C ALA A 264 25.44 -9.50 -1.29
N VAL A 265 26.54 -10.11 -1.74
CA VAL A 265 26.45 -11.11 -2.80
C VAL A 265 25.76 -12.37 -2.29
N LYS A 266 26.19 -12.84 -1.11
CA LYS A 266 25.56 -13.98 -0.45
C LYS A 266 24.09 -13.69 -0.21
N GLU A 267 23.82 -12.51 0.33
CA GLU A 267 22.44 -12.09 0.61
C GLU A 267 21.56 -12.14 -0.63
N LEU A 268 21.98 -11.38 -1.65
CA LEU A 268 21.23 -11.27 -2.89
C LEU A 268 21.04 -12.62 -3.59
N ARG A 269 22.06 -13.46 -3.57
CA ARG A 269 21.91 -14.82 -4.13
C ARG A 269 20.89 -15.61 -3.33
N GLN A 270 20.96 -15.51 -2.00
CA GLN A 270 19.97 -16.13 -1.13
C GLN A 270 18.59 -15.58 -1.41
N PHE A 271 18.50 -14.25 -1.49
CA PHE A 271 17.27 -13.60 -1.87
C PHE A 271 16.66 -14.15 -3.17
N PHE A 272 17.41 -14.04 -4.26
CA PHE A 272 16.92 -14.50 -5.55
C PHE A 272 16.66 -16.00 -5.55
N GLU A 273 17.48 -16.76 -4.84
CA GLU A 273 17.26 -18.19 -4.73
C GLU A 273 15.93 -18.47 -4.03
N GLN A 274 15.60 -17.70 -2.99
CA GLN A 274 14.38 -17.95 -2.21
C GLN A 274 13.13 -17.53 -2.96
N VAL A 275 13.20 -16.35 -3.57
CA VAL A 275 12.09 -15.88 -4.40
C VAL A 275 11.88 -16.88 -5.51
N GLU A 276 12.98 -17.36 -6.11
CA GLU A 276 12.91 -18.38 -7.15
C GLU A 276 12.10 -19.58 -6.66
N ALA A 277 12.40 -20.04 -5.44
CA ALA A 277 11.78 -21.24 -4.89
C ALA A 277 10.30 -21.08 -4.54
N TYR A 278 9.93 -19.88 -4.13
CA TYR A 278 8.53 -19.58 -3.80
C TYR A 278 7.66 -19.52 -5.07
N GLY A 279 8.29 -19.26 -6.21
CA GLY A 279 7.63 -19.35 -7.52
C GLY A 279 7.43 -18.02 -8.21
N TYR A 280 8.21 -17.02 -7.83
CA TYR A 280 8.02 -15.64 -8.28
C TYR A 280 9.30 -15.08 -8.88
N GLY A 281 10.14 -15.95 -9.42
CA GLY A 281 11.43 -15.56 -9.98
C GLY A 281 11.32 -14.68 -11.20
N ASP A 282 10.25 -14.88 -11.97
CA ASP A 282 9.99 -14.03 -13.14
C ASP A 282 9.61 -12.60 -12.72
N TRP A 283 9.25 -12.39 -11.46
CA TRP A 283 8.85 -11.05 -11.01
C TRP A 283 10.00 -10.18 -10.52
N VAL A 284 11.16 -10.77 -10.26
CA VAL A 284 12.23 -10.05 -9.58
C VAL A 284 13.51 -10.05 -10.37
N LEU A 285 14.30 -9.00 -10.17
CA LEU A 285 15.51 -8.80 -10.94
C LEU A 285 16.43 -7.81 -10.21
N PHE A 286 17.72 -7.86 -10.56
CA PHE A 286 18.72 -7.02 -9.90
C PHE A 286 18.93 -5.71 -10.66
N ASP A 287 18.92 -4.60 -9.94
CA ASP A 287 19.24 -3.31 -10.54
C ASP A 287 20.11 -2.54 -9.56
N ALA A 288 21.37 -2.35 -9.93
CA ALA A 288 22.36 -1.69 -9.09
C ALA A 288 22.09 -0.20 -8.89
N SER A 289 21.17 0.37 -9.66
CA SER A 289 20.87 1.80 -9.56
C SER A 289 19.81 2.10 -8.50
N VAL A 290 19.19 1.05 -7.96
CA VAL A 290 18.11 1.18 -6.99
C VAL A 290 18.67 1.50 -5.62
N VAL A 291 18.34 2.67 -5.07
CA VAL A 291 18.73 2.99 -3.68
C VAL A 291 17.57 3.38 -2.75
N ARG A 292 16.51 3.97 -3.33
CA ARG A 292 15.43 4.60 -2.58
C ARG A 292 15.91 5.91 -1.96
N GLY A 293 14.95 6.76 -1.62
CA GLY A 293 15.23 8.12 -1.16
C GLY A 293 15.18 8.33 0.34
N LEU A 294 15.03 7.25 1.09
CA LEU A 294 14.90 7.33 2.55
C LEU A 294 16.24 7.05 3.22
N ALA A 295 16.49 7.72 4.35
CA ALA A 295 17.79 7.67 5.00
C ALA A 295 18.06 6.34 5.65
N TYR A 296 17.02 5.69 6.17
CA TYR A 296 17.21 4.57 7.09
C TYR A 296 17.53 3.19 6.51
N TYR A 297 17.49 3.03 5.19
CA TYR A 297 17.79 1.71 4.61
C TYR A 297 19.27 1.33 4.73
N THR A 298 19.53 0.14 5.29
CA THR A 298 20.89 -0.34 5.56
C THR A 298 21.37 -1.43 4.60
N GLY A 299 20.47 -2.29 4.14
CA GLY A 299 20.82 -3.46 3.33
C GLY A 299 20.06 -3.52 2.02
N ILE A 300 19.29 -4.59 1.85
CA ILE A 300 18.50 -4.81 0.62
C ILE A 300 17.45 -3.72 0.46
N VAL A 301 17.24 -3.29 -0.77
CA VAL A 301 16.18 -2.32 -1.09
C VAL A 301 15.52 -2.69 -2.41
N PHE A 302 14.25 -2.30 -2.57
CA PHE A 302 13.49 -2.65 -3.78
C PHE A 302 12.38 -1.67 -4.17
N GLU A 303 11.96 -1.81 -5.42
CA GLU A 303 10.95 -0.97 -6.06
C GLU A 303 10.14 -1.76 -7.07
N GLY A 304 8.84 -1.58 -7.04
CA GLY A 304 7.99 -2.09 -8.09
C GLY A 304 7.96 -1.12 -9.25
N PHE A 305 7.81 -1.64 -10.45
CA PHE A 305 7.78 -0.80 -11.64
C PHE A 305 6.99 -1.49 -12.73
N ASP A 306 6.43 -0.72 -13.66
CA ASP A 306 5.80 -1.30 -14.84
C ASP A 306 6.86 -1.51 -15.90
N ARG A 307 6.74 -2.64 -16.60
CA ARG A 307 7.69 -3.04 -17.64
C ARG A 307 7.53 -2.28 -18.98
N GLU A 308 6.69 -1.24 -19.01
CA GLU A 308 6.55 -0.36 -20.17
C GLU A 308 7.24 1.01 -19.98
N GLY A 309 7.76 1.27 -18.78
CA GLY A 309 8.47 2.51 -18.49
C GLY A 309 7.62 3.76 -18.37
N LYS A 310 6.32 3.57 -18.12
CA LYS A 310 5.37 4.69 -18.10
C LYS A 310 5.18 5.36 -16.76
N PHE A 311 5.25 4.59 -15.67
CA PHE A 311 4.83 5.10 -14.37
C PHE A 311 5.97 5.15 -13.39
N ARG A 312 5.77 5.96 -12.35
CA ARG A 312 6.68 6.03 -11.22
C ARG A 312 6.70 4.68 -10.47
N ALA A 313 7.36 4.64 -9.32
CA ALA A 313 7.47 3.42 -8.53
C ALA A 313 6.11 3.00 -7.96
N LEU A 314 5.75 1.74 -8.15
CA LEU A 314 4.49 1.21 -7.65
C LEU A 314 4.54 1.05 -6.14
N CYS A 315 5.69 0.58 -5.66
CA CYS A 315 5.93 0.42 -4.26
C CYS A 315 7.42 0.49 -4.00
N GLY A 316 7.78 0.57 -2.73
CA GLY A 316 9.17 0.78 -2.32
C GLY A 316 9.45 0.38 -0.89
N GLY A 317 10.62 -0.17 -0.64
CA GLY A 317 10.94 -0.67 0.67
C GLY A 317 12.38 -1.06 0.82
N GLY A 318 12.68 -1.73 1.92
CA GLY A 318 14.03 -2.15 2.20
C GLY A 318 14.21 -2.48 3.66
N ARG A 319 15.48 -2.72 4.00
CA ARG A 319 15.88 -3.18 5.32
C ARG A 319 16.41 -1.96 6.04
N TYR A 320 16.06 -1.82 7.31
CA TYR A 320 16.45 -0.67 8.12
C TYR A 320 16.79 -1.13 9.54
N ASP A 321 17.99 -1.71 9.69
CA ASP A 321 18.40 -2.39 10.91
C ASP A 321 18.83 -1.46 12.05
N ASN A 322 18.94 -0.16 11.77
CA ASN A 322 19.40 0.79 12.78
C ASN A 322 18.45 1.94 13.12
N LEU A 323 17.23 1.92 12.60
CA LEU A 323 16.24 2.92 12.98
C LEU A 323 15.95 2.89 14.48
N LEU A 324 15.66 1.71 15.01
CA LEU A 324 15.29 1.60 16.42
C LEU A 324 16.45 1.88 17.38
N THR A 325 17.69 1.60 16.97
CA THR A 325 18.85 2.06 17.73
C THR A 325 18.91 3.58 17.72
N THR A 326 18.65 4.15 16.55
CA THR A 326 18.61 5.60 16.35
C THR A 326 17.54 6.26 17.24
N TYR A 327 16.39 5.60 17.38
CA TYR A 327 15.29 6.08 18.25
C TYR A 327 15.56 5.84 19.75
N GLY A 328 16.62 5.10 20.07
CA GLY A 328 17.04 4.91 21.45
C GLY A 328 16.84 3.52 22.03
N SER A 329 16.57 2.52 21.17
CA SER A 329 16.45 1.14 21.63
C SER A 329 17.78 0.71 22.25
N PRO A 330 17.75 0.14 23.47
CA PRO A 330 19.01 -0.30 24.08
C PRO A 330 19.70 -1.44 23.29
N THR A 331 18.92 -2.25 22.58
CA THR A 331 19.46 -3.26 21.69
C THR A 331 18.99 -2.98 20.26
N PRO A 332 19.88 -3.16 19.26
CA PRO A 332 19.44 -2.97 17.89
C PRO A 332 18.39 -4.01 17.49
N ILE A 333 17.37 -3.55 16.78
CA ILE A 333 16.28 -4.42 16.33
C ILE A 333 16.25 -4.40 14.82
N PRO A 334 16.46 -5.58 14.20
CA PRO A 334 16.41 -5.65 12.75
C PRO A 334 15.00 -5.41 12.23
N CYS A 335 14.88 -4.64 11.16
CA CYS A 335 13.60 -4.36 10.54
C CYS A 335 13.72 -4.33 9.05
N ALA A 336 12.61 -4.64 8.38
CA ALA A 336 12.49 -4.48 6.96
C ALA A 336 11.03 -4.26 6.64
N GLY A 337 10.74 -3.59 5.52
CA GLY A 337 9.37 -3.41 5.09
C GLY A 337 9.23 -2.53 3.86
N PHE A 338 7.99 -2.27 3.46
CA PHE A 338 7.71 -1.48 2.28
C PHE A 338 6.41 -0.67 2.37
N GLY A 339 6.31 0.29 1.47
CA GLY A 339 5.13 1.10 1.30
C GLY A 339 4.67 0.91 -0.14
N PHE A 340 3.35 0.91 -0.33
CA PHE A 340 2.73 0.60 -1.62
C PHE A 340 1.58 1.58 -1.72
N GLY A 341 1.80 2.67 -2.43
CA GLY A 341 0.82 3.74 -2.60
C GLY A 341 -0.45 3.38 -3.38
N ASP A 342 -1.45 4.24 -3.29
CA ASP A 342 -2.78 3.97 -3.86
C ASP A 342 -3.03 4.65 -5.20
N CYS A 343 -2.04 5.36 -5.73
CA CYS A 343 -2.25 6.15 -6.93
C CYS A 343 -1.68 5.51 -8.19
N VAL A 344 -0.39 5.17 -8.17
CA VAL A 344 0.28 4.64 -9.35
C VAL A 344 -0.33 3.31 -9.74
N ILE A 345 -0.59 2.47 -8.75
CA ILE A 345 -1.20 1.18 -9.01
C ILE A 345 -2.51 1.33 -9.78
N VAL A 346 -3.27 2.35 -9.46
CA VAL A 346 -4.55 2.57 -10.10
C VAL A 346 -4.36 3.03 -11.53
N GLU A 347 -3.50 4.00 -11.75
CA GLU A 347 -3.15 4.44 -13.11
C GLU A 347 -2.77 3.26 -13.97
N LEU A 348 -1.91 2.41 -13.44
CA LEU A 348 -1.46 1.24 -14.15
C LEU A 348 -2.60 0.27 -14.44
N LEU A 349 -3.41 -0.02 -13.43
CA LEU A 349 -4.54 -0.92 -13.61
C LEU A 349 -5.57 -0.37 -14.63
N GLN A 350 -5.74 0.95 -14.68
CA GLN A 350 -6.58 1.59 -15.69
C GLN A 350 -5.98 1.38 -17.07
N GLU A 351 -4.73 1.81 -17.25
CA GLU A 351 -3.98 1.57 -18.49
C GLU A 351 -4.13 0.13 -19.02
N LYS A 352 -4.04 -0.86 -18.14
CA LYS A 352 -4.18 -2.28 -18.55
C LYS A 352 -5.63 -2.79 -18.59
N ARG A 353 -6.60 -1.88 -18.44
CA ARG A 353 -8.04 -2.19 -18.48
C ARG A 353 -8.42 -3.23 -17.43
N LEU A 354 -7.79 -3.10 -16.26
CA LEU A 354 -8.01 -4.03 -15.16
C LEU A 354 -8.83 -3.40 -14.03
N LEU A 355 -9.38 -2.22 -14.27
CA LEU A 355 -10.26 -1.55 -13.30
C LEU A 355 -11.63 -1.29 -13.90
N PRO A 356 -12.41 -2.36 -14.11
CA PRO A 356 -13.78 -2.10 -14.57
C PRO A 356 -14.63 -1.43 -13.48
N ASP A 357 -15.59 -0.61 -13.91
CA ASP A 357 -16.62 -0.11 -13.01
C ASP A 357 -17.13 -1.28 -12.20
N ILE A 358 -17.14 -1.10 -10.88
CA ILE A 358 -17.74 -2.04 -9.98
C ILE A 358 -19.14 -1.48 -9.70
N PRO A 359 -20.19 -2.07 -10.28
CA PRO A 359 -21.51 -1.51 -9.98
C PRO A 359 -21.96 -1.95 -8.61
N HIS A 360 -22.83 -1.18 -7.99
CA HIS A 360 -23.40 -1.56 -6.70
C HIS A 360 -24.23 -2.83 -6.80
N VAL A 361 -24.21 -3.64 -5.74
CA VAL A 361 -25.10 -4.78 -5.65
C VAL A 361 -25.76 -4.87 -4.29
N VAL A 362 -26.98 -5.41 -4.31
CA VAL A 362 -27.72 -5.79 -3.11
C VAL A 362 -28.50 -7.05 -3.54
N ASP A 363 -28.74 -7.97 -2.62
CA ASP A 363 -29.38 -9.23 -2.99
C ASP A 363 -30.85 -9.03 -3.32
N ASP A 364 -31.56 -8.39 -2.41
CA ASP A 364 -33.00 -8.25 -2.52
C ASP A 364 -33.45 -6.79 -2.42
N VAL A 365 -34.42 -6.41 -3.23
CA VAL A 365 -35.19 -5.20 -2.96
C VAL A 365 -36.66 -5.60 -2.75
N VAL A 366 -37.19 -5.20 -1.61
CA VAL A 366 -38.51 -5.61 -1.17
C VAL A 366 -39.43 -4.47 -1.48
N ILE A 367 -40.48 -4.78 -2.24
CA ILE A 367 -41.39 -3.78 -2.78
C ILE A 367 -42.79 -4.02 -2.23
N PRO A 368 -43.23 -3.17 -1.29
CA PRO A 368 -44.63 -3.27 -0.89
C PRO A 368 -45.53 -2.80 -2.03
N PHE A 369 -46.57 -3.58 -2.31
CA PHE A 369 -47.54 -3.19 -3.33
C PHE A 369 -48.05 -1.76 -3.07
N ASP A 370 -48.29 -1.44 -1.81
CA ASP A 370 -48.63 -0.08 -1.43
C ASP A 370 -48.41 0.07 0.06
N GLU A 371 -48.72 1.25 0.59
CA GLU A 371 -48.46 1.54 1.99
C GLU A 371 -49.13 0.62 2.99
N SER A 372 -50.30 0.07 2.65
CA SER A 372 -50.97 -0.88 3.53
C SER A 372 -50.19 -2.19 3.67
N MET A 373 -49.37 -2.52 2.67
CA MET A 373 -48.45 -3.68 2.73
C MET A 373 -47.09 -3.39 3.39
N ARG A 374 -46.86 -2.18 3.89
CA ARG A 374 -45.55 -1.88 4.45
C ARG A 374 -45.23 -2.74 5.69
N PRO A 375 -46.13 -2.76 6.69
CA PRO A 375 -45.84 -3.60 7.86
C PRO A 375 -45.44 -5.02 7.47
N HIS A 376 -46.16 -5.59 6.52
CA HIS A 376 -45.84 -6.92 6.02
C HIS A 376 -44.53 -6.97 5.24
N ALA A 377 -44.25 -5.93 4.46
CA ALA A 377 -42.98 -5.87 3.72
C ALA A 377 -41.76 -5.83 4.64
N LEU A 378 -41.95 -5.21 5.81
CA LEU A 378 -40.93 -5.10 6.84
C LEU A 378 -40.60 -6.47 7.42
N ALA A 379 -41.63 -7.24 7.77
CA ALA A 379 -41.44 -8.58 8.29
C ALA A 379 -40.65 -9.44 7.30
N VAL A 380 -41.00 -9.31 6.01
CA VAL A 380 -40.23 -9.91 4.94
C VAL A 380 -38.78 -9.41 4.97
N LEU A 381 -38.60 -8.09 5.01
CA LEU A 381 -37.27 -7.48 5.04
C LEU A 381 -36.45 -8.05 6.18
N ARG A 382 -37.07 -8.20 7.33
CA ARG A 382 -36.44 -8.76 8.51
C ARG A 382 -36.01 -10.20 8.31
N ARG A 383 -36.85 -11.02 7.67
CA ARG A 383 -36.49 -12.42 7.39
C ARG A 383 -35.28 -12.52 6.49
N LEU A 384 -35.26 -11.70 5.44
CA LEU A 384 -34.18 -11.76 4.47
C LEU A 384 -32.86 -11.41 5.11
N ARG A 385 -32.86 -10.36 5.92
CA ARG A 385 -31.65 -9.89 6.55
C ARG A 385 -31.17 -10.91 7.58
N ASP A 386 -32.09 -11.46 8.37
CA ASP A 386 -31.76 -12.52 9.35
C ASP A 386 -30.96 -13.66 8.74
N ALA A 387 -31.21 -13.96 7.47
CA ALA A 387 -30.55 -15.06 6.77
C ALA A 387 -29.22 -14.64 6.12
N GLY A 388 -28.76 -13.42 6.39
CA GLY A 388 -27.47 -12.97 5.92
C GLY A 388 -27.54 -12.33 4.55
N ARG A 389 -28.74 -12.07 4.04
CA ARG A 389 -28.87 -11.43 2.74
C ARG A 389 -28.85 -9.93 2.89
N SER A 390 -28.34 -9.25 1.87
CA SER A 390 -28.40 -7.80 1.82
C SER A 390 -29.70 -7.41 1.15
N ALA A 391 -30.51 -6.61 1.82
CA ALA A 391 -31.79 -6.24 1.29
C ALA A 391 -32.16 -4.81 1.61
N ASP A 392 -32.77 -4.16 0.63
CA ASP A 392 -33.50 -2.93 0.82
C ASP A 392 -34.99 -3.18 0.82
N ILE A 393 -35.69 -2.21 1.41
CA ILE A 393 -37.10 -2.06 1.21
C ILE A 393 -37.32 -0.66 0.71
N ILE A 394 -38.24 -0.51 -0.24
CA ILE A 394 -38.54 0.79 -0.82
C ILE A 394 -39.02 1.68 0.33
N LEU A 395 -38.35 2.82 0.51
CA LEU A 395 -38.63 3.65 1.68
C LEU A 395 -39.64 4.75 1.42
N ASP A 396 -39.67 5.26 0.19
CA ASP A 396 -40.70 6.23 -0.21
C ASP A 396 -41.99 5.56 -0.73
N LYS A 397 -43.03 6.36 -0.84
CA LYS A 397 -44.29 5.89 -1.42
C LYS A 397 -44.08 5.96 -2.91
N LYS A 398 -44.07 4.81 -3.60
CA LYS A 398 -43.95 4.81 -5.06
C LYS A 398 -44.61 3.62 -5.76
N LYS A 399 -44.92 3.79 -7.05
CA LYS A 399 -45.63 2.78 -7.81
C LYS A 399 -44.72 1.61 -8.12
N VAL A 400 -45.30 0.43 -8.20
CA VAL A 400 -44.55 -0.82 -8.36
C VAL A 400 -43.47 -0.80 -9.48
N VAL A 401 -43.85 -0.34 -10.67
CA VAL A 401 -42.90 -0.28 -11.78
C VAL A 401 -41.75 0.71 -11.49
N GLN A 402 -42.01 1.79 -10.76
CA GLN A 402 -40.94 2.73 -10.40
C GLN A 402 -40.03 2.12 -9.33
N ALA A 403 -40.64 1.34 -8.45
CA ALA A 403 -39.89 0.62 -7.43
C ALA A 403 -38.98 -0.41 -8.09
N PHE A 404 -39.50 -1.07 -9.12
CA PHE A 404 -38.75 -2.09 -9.85
C PHE A 404 -37.61 -1.47 -10.65
N ASN A 405 -37.84 -0.30 -11.22
CA ASN A 405 -36.78 0.41 -11.91
C ASN A 405 -35.65 0.71 -10.95
N TYR A 406 -36.01 1.29 -9.82
CA TYR A 406 -35.09 1.54 -8.73
C TYR A 406 -34.26 0.29 -8.34
N ALA A 407 -34.95 -0.85 -8.21
CA ALA A 407 -34.28 -2.11 -7.88
C ALA A 407 -33.16 -2.44 -8.87
N ASP A 408 -33.44 -2.19 -10.16
CA ASP A 408 -32.47 -2.40 -11.22
C ASP A 408 -31.31 -1.41 -11.10
N ARG A 409 -31.65 -0.13 -10.92
CA ARG A 409 -30.67 0.93 -10.83
C ARG A 409 -29.67 0.70 -9.70
N VAL A 410 -30.13 0.26 -8.53
CA VAL A 410 -29.19 -0.02 -7.42
C VAL A 410 -28.57 -1.43 -7.50
N GLY A 411 -28.82 -2.14 -8.59
CA GLY A 411 -28.18 -3.42 -8.84
C GLY A 411 -28.68 -4.52 -7.93
N ALA A 412 -29.99 -4.56 -7.68
CA ALA A 412 -30.60 -5.68 -6.96
C ALA A 412 -30.53 -6.95 -7.79
N VAL A 413 -30.13 -8.07 -7.18
CA VAL A 413 -30.17 -9.37 -7.86
C VAL A 413 -31.62 -9.85 -7.99
N ARG A 414 -32.47 -9.39 -7.09
CA ARG A 414 -33.81 -9.93 -6.98
C ARG A 414 -34.80 -8.89 -6.44
N ALA A 415 -35.99 -8.86 -7.01
CA ALA A 415 -37.08 -7.98 -6.55
C ALA A 415 -38.17 -8.84 -5.94
N VAL A 416 -38.58 -8.46 -4.72
CA VAL A 416 -39.54 -9.22 -3.95
C VAL A 416 -40.76 -8.36 -3.69
N LEU A 417 -41.84 -8.67 -4.40
CA LEU A 417 -43.07 -7.88 -4.30
C LEU A 417 -44.01 -8.46 -3.25
N VAL A 418 -44.38 -7.62 -2.29
CA VAL A 418 -45.34 -7.97 -1.24
C VAL A 418 -46.71 -7.38 -1.56
N ALA A 419 -47.56 -8.20 -2.18
CA ALA A 419 -48.91 -7.80 -2.62
C ALA A 419 -49.96 -8.50 -1.76
N PRO A 420 -51.16 -7.87 -1.63
CA PRO A 420 -52.18 -8.36 -0.69
C PRO A 420 -52.76 -9.72 -1.06
N GLU A 421 -52.90 -10.00 -2.35
CA GLU A 421 -53.45 -11.28 -2.81
C GLU A 421 -52.49 -12.44 -2.52
N GLU A 422 -51.20 -12.17 -2.62
CA GLU A 422 -50.18 -13.18 -2.35
C GLU A 422 -49.93 -13.35 -0.85
N TRP A 423 -49.98 -12.25 -0.10
CA TRP A 423 -49.79 -12.28 1.35
C TRP A 423 -50.89 -13.09 2.03
N GLU A 424 -52.11 -12.98 1.52
CA GLU A 424 -53.23 -13.74 2.07
C GLU A 424 -52.97 -15.24 1.88
N ARG A 425 -52.28 -15.61 0.79
CA ARG A 425 -51.87 -16.99 0.53
C ARG A 425 -50.56 -17.41 1.21
N GLY A 426 -49.97 -16.52 2.00
CA GLY A 426 -48.66 -16.77 2.59
C GLY A 426 -47.54 -16.76 1.57
N GLU A 427 -47.62 -15.85 0.60
CA GLU A 427 -46.67 -15.78 -0.51
C GLU A 427 -46.21 -14.35 -0.84
N VAL A 428 -45.18 -14.29 -1.68
CA VAL A 428 -44.73 -13.04 -2.29
C VAL A 428 -44.41 -13.33 -3.76
N GLN A 429 -44.23 -12.26 -4.53
CA GLN A 429 -43.86 -12.40 -5.93
C GLN A 429 -42.42 -12.00 -6.11
N VAL A 430 -41.62 -12.95 -6.56
CA VAL A 430 -40.19 -12.74 -6.74
C VAL A 430 -39.88 -12.69 -8.21
N LYS A 431 -38.90 -11.86 -8.58
CA LYS A 431 -38.46 -11.73 -9.96
C LYS A 431 -36.95 -11.52 -9.97
N MET A 432 -36.24 -12.30 -10.79
CA MET A 432 -34.78 -12.22 -10.90
C MET A 432 -34.40 -11.21 -11.97
N LEU A 433 -33.47 -10.32 -11.66
CA LEU A 433 -33.05 -9.29 -12.60
C LEU A 433 -31.80 -9.68 -13.39
N ARG A 434 -31.10 -10.73 -12.96
CA ARG A 434 -29.83 -11.13 -13.58
C ARG A 434 -29.66 -12.65 -13.62
N GLY A 447 -42.28 -13.39 -13.08
CA GLY A 447 -42.39 -13.02 -11.68
C GLY A 447 -43.21 -14.02 -10.90
N PHE A 448 -42.54 -14.89 -10.15
CA PHE A 448 -43.17 -16.10 -9.57
C PHE A 448 -43.66 -15.93 -8.14
N ALA A 449 -44.68 -16.70 -7.80
CA ALA A 449 -45.24 -16.70 -6.45
C ALA A 449 -44.42 -17.64 -5.58
N VAL A 450 -44.00 -17.16 -4.41
CA VAL A 450 -43.08 -17.89 -3.54
C VAL A 450 -43.53 -17.81 -2.08
N PRO A 451 -43.53 -18.94 -1.36
CA PRO A 451 -43.83 -18.93 0.08
C PRO A 451 -42.78 -18.18 0.89
N LEU A 452 -43.14 -17.73 2.08
CA LEU A 452 -42.24 -16.93 2.91
C LEU A 452 -41.02 -17.69 3.40
N ASP A 453 -41.25 -18.87 3.97
CA ASP A 453 -40.15 -19.74 4.40
C ASP A 453 -39.15 -19.97 3.26
N ARG A 454 -39.67 -20.23 2.05
CA ARG A 454 -38.85 -20.65 0.92
C ARG A 454 -38.02 -19.51 0.29
N LEU A 455 -38.22 -18.27 0.77
CA LEU A 455 -37.50 -17.11 0.26
C LEU A 455 -35.99 -17.19 0.47
N VAL A 456 -35.58 -17.89 1.51
CA VAL A 456 -34.19 -17.88 1.95
C VAL A 456 -33.59 -19.29 1.92
#